data_1IUP
#
_entry.id   1IUP
#
_cell.length_a   77.350
_cell.length_b   116.584
_cell.length_c   78.721
_cell.angle_alpha   90.00
_cell.angle_beta   90.00
_cell.angle_gamma   90.00
#
_symmetry.space_group_name_H-M   'C 2 2 21'
#
loop_
_entity.id
_entity.type
_entity.pdbx_description
1 polymer 'meta-Cleavage product hydrolase'
2 non-polymer '2-METHYL-PROPIONIC ACID'
3 water water
#
_entity_poly.entity_id   1
_entity_poly.type   'polypeptide(L)'
_entity_poly.pdbx_seq_one_letter_code
;MANLEIGKSILAAGVLTNYHDVGEGQPVILIHGSGPGVSAYANWRLTIPALSKFYRVIAPDMVGFGFTDRPENYNYSKDS
WVDHIIGIMDALEIEKAHIVGNAFGGGLAIATALRYSERVDRMVLMGAAGTRFDVTEGLNAVWGYTPSIENMRNLLDIFA
YDRSLVTDELARLRYEASIQPGFQESFSSMFPEPRQRWIDALASSDEDIKTLPNETLIIHGREDQVVPLSSSLRLGELID
RAQLHVFGRCGHWTQIEQTDRFNRLVVEFFNEANTPKLVGRP
;
_entity_poly.pdbx_strand_id   A
#
# COMPACT_ATOMS: atom_id res chain seq x y z
N ASN A 3 0.38 16.29 14.62
CA ASN A 3 0.69 15.54 13.37
C ASN A 3 -0.56 14.84 12.89
N LEU A 4 -1.08 15.27 11.74
CA LEU A 4 -2.30 14.70 11.17
C LEU A 4 -2.16 13.24 10.78
N GLU A 5 -0.94 12.74 10.71
CA GLU A 5 -0.71 11.35 10.36
C GLU A 5 -1.06 10.45 11.54
N ILE A 6 -1.19 11.05 12.72
CA ILE A 6 -1.56 10.30 13.92
C ILE A 6 -3.08 10.36 14.02
N GLY A 7 -3.71 9.20 14.20
CA GLY A 7 -5.15 9.16 14.29
C GLY A 7 -5.62 8.53 15.58
N LYS A 8 -6.40 7.46 15.46
CA LYS A 8 -6.92 6.74 16.61
C LYS A 8 -6.00 5.56 16.91
N SER A 9 -6.15 4.98 18.09
CA SER A 9 -5.32 3.86 18.50
C SER A 9 -6.18 2.66 18.90
N ILE A 10 -5.73 1.47 18.54
CA ILE A 10 -6.47 0.26 18.88
C ILE A 10 -5.51 -0.93 18.93
N LEU A 11 -5.78 -1.87 19.83
CA LEU A 11 -4.94 -3.06 19.93
C LEU A 11 -5.39 -4.03 18.85
N ALA A 12 -4.47 -4.43 17.98
CA ALA A 12 -4.78 -5.35 16.90
C ALA A 12 -3.67 -6.38 16.75
N ALA A 13 -4.04 -7.66 16.82
CA ALA A 13 -3.06 -8.74 16.73
C ALA A 13 -1.95 -8.52 17.75
N GLY A 14 -2.33 -7.99 18.91
CA GLY A 14 -1.37 -7.75 19.98
C GLY A 14 -0.47 -6.54 19.80
N VAL A 15 -0.75 -5.72 18.79
CA VAL A 15 0.07 -4.54 18.53
C VAL A 15 -0.75 -3.26 18.59
N LEU A 16 -0.28 -2.28 19.34
CA LEU A 16 -1.00 -1.00 19.44
C LEU A 16 -0.88 -0.37 18.05
N THR A 17 -2.03 -0.19 17.41
CA THR A 17 -2.08 0.30 16.04
C THR A 17 -2.68 1.69 15.81
N ASN A 18 -1.97 2.51 15.03
CA ASN A 18 -2.45 3.84 14.69
C ASN A 18 -3.29 3.68 13.43
N TYR A 19 -4.48 4.28 13.42
CA TYR A 19 -5.35 4.15 12.25
C TYR A 19 -6.35 5.27 12.12
N HIS A 20 -6.90 5.40 10.91
CA HIS A 20 -7.91 6.40 10.64
C HIS A 20 -9.17 5.64 10.30
N ASP A 21 -10.31 6.20 10.69
CA ASP A 21 -11.61 5.55 10.48
C ASP A 21 -12.58 6.68 10.16
N VAL A 22 -12.98 6.78 8.90
CA VAL A 22 -13.88 7.85 8.46
C VAL A 22 -15.00 7.33 7.55
N GLY A 23 -16.23 7.78 7.82
CA GLY A 23 -17.36 7.35 7.00
C GLY A 23 -18.19 6.24 7.60
N GLU A 24 -19.29 5.93 6.93
CA GLU A 24 -20.19 4.87 7.41
C GLU A 24 -20.61 3.95 6.27
N GLY A 25 -21.03 2.75 6.63
CA GLY A 25 -21.48 1.80 5.62
C GLY A 25 -20.52 0.66 5.34
N GLN A 26 -20.49 0.24 4.08
CA GLN A 26 -19.62 -0.85 3.64
C GLN A 26 -18.16 -0.52 3.96
N PRO A 27 -17.47 -1.42 4.68
CA PRO A 27 -16.08 -1.21 5.06
C PRO A 27 -15.09 -1.35 3.90
N VAL A 28 -14.10 -0.46 3.88
CA VAL A 28 -13.04 -0.47 2.89
C VAL A 28 -11.73 -0.27 3.64
N ILE A 29 -10.79 -1.20 3.49
CA ILE A 29 -9.51 -1.06 4.15
C ILE A 29 -8.46 -0.58 3.13
N LEU A 30 -7.76 0.51 3.47
CA LEU A 30 -6.72 1.02 2.58
C LEU A 30 -5.36 0.63 3.17
N ILE A 31 -4.54 -0.04 2.37
CA ILE A 31 -3.21 -0.47 2.83
C ILE A 31 -2.11 0.27 2.09
N HIS A 32 -1.36 1.08 2.82
CA HIS A 32 -0.27 1.89 2.27
C HIS A 32 0.91 1.11 1.73
N GLY A 33 1.81 1.82 1.05
CA GLY A 33 3.00 1.24 0.46
C GLY A 33 4.14 1.12 1.46
N SER A 34 5.37 0.92 0.97
CA SER A 34 6.50 0.74 1.87
C SER A 34 7.69 1.70 1.76
N GLY A 35 7.43 2.95 1.43
CA GLY A 35 8.54 3.89 1.34
C GLY A 35 8.95 4.40 2.71
N PRO A 36 10.13 5.04 2.82
CA PRO A 36 10.59 5.56 4.10
C PRO A 36 9.67 6.70 4.57
N GLY A 37 9.25 6.63 5.83
CA GLY A 37 8.37 7.65 6.37
C GLY A 37 6.90 7.48 5.99
N VAL A 38 6.59 6.42 5.27
CA VAL A 38 5.22 6.17 4.83
C VAL A 38 4.27 5.94 6.00
N SER A 39 3.00 6.31 5.78
CA SER A 39 1.96 6.11 6.77
C SER A 39 0.65 6.06 6.01
N ALA A 40 -0.40 5.56 6.66
CA ALA A 40 -1.70 5.47 6.01
C ALA A 40 -2.18 6.85 5.58
N TYR A 41 -2.02 7.84 6.44
CA TYR A 41 -2.48 9.19 6.12
C TYR A 41 -1.68 9.81 4.97
N ALA A 42 -0.36 9.68 5.03
CA ALA A 42 0.49 10.23 3.99
C ALA A 42 0.10 9.68 2.61
N ASN A 43 -0.17 8.38 2.57
CA ASN A 43 -0.54 7.71 1.32
C ASN A 43 -1.97 7.98 0.86
N TRP A 44 -2.90 8.03 1.81
CA TRP A 44 -4.31 8.16 1.47
C TRP A 44 -5.08 9.44 1.77
N ARG A 45 -4.40 10.48 2.23
CA ARG A 45 -5.07 11.73 2.57
C ARG A 45 -5.97 12.31 1.49
N LEU A 46 -5.64 12.08 0.22
CA LEU A 46 -6.46 12.61 -0.87
C LEU A 46 -7.49 11.60 -1.37
N THR A 47 -7.48 10.41 -0.78
CA THR A 47 -8.39 9.34 -1.18
C THR A 47 -9.53 9.17 -0.16
N ILE A 48 -9.18 9.23 1.12
CA ILE A 48 -10.14 9.06 2.20
C ILE A 48 -11.38 9.95 2.10
N PRO A 49 -11.20 11.27 1.87
CA PRO A 49 -12.35 12.17 1.77
C PRO A 49 -13.36 11.77 0.70
N ALA A 50 -12.87 11.37 -0.47
CA ALA A 50 -13.73 10.97 -1.56
C ALA A 50 -14.49 9.68 -1.28
N LEU A 51 -13.78 8.67 -0.80
CA LEU A 51 -14.41 7.39 -0.49
C LEU A 51 -15.31 7.39 0.74
N SER A 52 -14.94 8.17 1.76
CA SER A 52 -15.72 8.21 2.99
C SER A 52 -17.11 8.79 2.83
N LYS A 53 -17.39 9.35 1.66
CA LYS A 53 -18.71 9.92 1.41
C LYS A 53 -19.71 8.80 1.11
N PHE A 54 -19.20 7.61 0.78
CA PHE A 54 -20.06 6.49 0.46
C PHE A 54 -19.71 5.19 1.17
N TYR A 55 -18.55 5.18 1.83
CA TYR A 55 -18.08 3.99 2.54
C TYR A 55 -17.44 4.31 3.87
N ARG A 56 -17.24 3.27 4.68
CA ARG A 56 -16.55 3.44 5.94
C ARG A 56 -15.11 3.09 5.59
N VAL A 57 -14.23 4.08 5.66
CA VAL A 57 -12.84 3.89 5.30
C VAL A 57 -11.90 3.72 6.49
N ILE A 58 -11.19 2.59 6.50
CA ILE A 58 -10.24 2.28 7.56
C ILE A 58 -8.84 2.26 6.92
N ALA A 59 -7.96 3.13 7.42
CA ALA A 59 -6.59 3.23 6.90
C ALA A 59 -5.62 3.12 8.07
N PRO A 60 -5.08 1.91 8.29
CA PRO A 60 -4.13 1.66 9.38
C PRO A 60 -2.65 1.73 9.00
N ASP A 61 -1.81 2.03 9.98
CA ASP A 61 -0.37 2.04 9.75
C ASP A 61 0.05 0.60 10.02
N MET A 62 0.60 -0.07 9.01
CA MET A 62 1.04 -1.44 9.17
C MET A 62 2.19 -1.51 10.17
N VAL A 63 2.25 -2.59 10.95
CA VAL A 63 3.31 -2.72 11.94
C VAL A 63 4.68 -2.54 11.27
N GLY A 64 5.51 -1.71 11.89
CA GLY A 64 6.83 -1.43 11.34
C GLY A 64 6.86 -0.12 10.57
N PHE A 65 5.67 0.43 10.33
CA PHE A 65 5.53 1.68 9.60
C PHE A 65 4.68 2.70 10.37
N GLY A 66 4.77 3.96 9.97
CA GLY A 66 3.99 5.00 10.61
C GLY A 66 4.08 5.08 12.12
N PHE A 67 2.93 5.30 12.75
CA PHE A 67 2.86 5.46 14.20
C PHE A 67 2.36 4.27 14.99
N THR A 68 2.30 3.12 14.33
CA THR A 68 1.89 1.91 14.99
C THR A 68 3.12 1.49 15.79
N ASP A 69 2.91 0.76 16.88
CA ASP A 69 4.02 0.30 17.69
C ASP A 69 4.98 -0.57 16.90
N ARG A 70 6.25 -0.50 17.27
CA ARG A 70 7.29 -1.30 16.62
C ARG A 70 7.82 -2.23 17.71
N PRO A 71 7.19 -3.41 17.87
CA PRO A 71 7.59 -4.41 18.87
C PRO A 71 9.05 -4.82 18.80
N GLU A 72 9.68 -4.96 19.96
CA GLU A 72 11.07 -5.36 20.03
C GLU A 72 11.22 -6.79 19.50
N ASN A 73 12.21 -6.99 18.64
CA ASN A 73 12.48 -8.30 18.06
C ASN A 73 11.30 -8.83 17.23
N TYR A 74 10.42 -7.93 16.81
CA TYR A 74 9.25 -8.32 16.02
C TYR A 74 9.71 -8.97 14.71
N ASN A 75 9.04 -10.05 14.32
CA ASN A 75 9.38 -10.75 13.10
C ASN A 75 8.51 -10.31 11.93
N TYR A 76 9.01 -9.35 11.16
CA TYR A 76 8.28 -8.83 10.00
C TYR A 76 8.26 -9.85 8.87
N SER A 77 7.08 -10.05 8.29
CA SER A 77 6.93 -11.00 7.19
C SER A 77 5.55 -10.85 6.56
N LYS A 78 5.40 -11.40 5.35
CA LYS A 78 4.13 -11.34 4.65
C LYS A 78 3.02 -11.85 5.56
N ASP A 79 3.22 -13.04 6.13
CA ASP A 79 2.22 -13.63 7.00
C ASP A 79 1.93 -12.85 8.26
N SER A 80 2.94 -12.23 8.86
CA SER A 80 2.71 -11.43 10.06
C SER A 80 1.92 -10.18 9.72
N TRP A 81 2.18 -9.60 8.55
CA TRP A 81 1.46 -8.41 8.13
C TRP A 81 0.01 -8.77 7.83
N VAL A 82 -0.21 -9.96 7.27
CA VAL A 82 -1.56 -10.41 6.99
C VAL A 82 -2.28 -10.57 8.33
N ASP A 83 -1.57 -11.13 9.31
CA ASP A 83 -2.14 -11.31 10.64
C ASP A 83 -2.55 -9.96 11.22
N HIS A 84 -1.73 -8.94 10.97
CA HIS A 84 -2.02 -7.60 11.48
C HIS A 84 -3.30 -7.05 10.84
N ILE A 85 -3.43 -7.22 9.52
CA ILE A 85 -4.61 -6.74 8.82
C ILE A 85 -5.86 -7.43 9.36
N ILE A 86 -5.78 -8.74 9.53
CA ILE A 86 -6.92 -9.48 10.06
C ILE A 86 -7.18 -9.08 11.50
N GLY A 87 -6.11 -8.82 12.26
CA GLY A 87 -6.28 -8.40 13.64
C GLY A 87 -6.99 -7.06 13.74
N ILE A 88 -6.72 -6.18 12.78
CA ILE A 88 -7.34 -4.86 12.76
C ILE A 88 -8.84 -5.02 12.45
N MET A 89 -9.14 -5.87 11.47
CA MET A 89 -10.53 -6.11 11.10
C MET A 89 -11.27 -6.73 12.28
N ASP A 90 -10.65 -7.69 12.95
CA ASP A 90 -11.27 -8.33 14.11
C ASP A 90 -11.53 -7.31 15.21
N ALA A 91 -10.54 -6.47 15.48
CA ALA A 91 -10.67 -5.46 16.53
C ALA A 91 -11.83 -4.51 16.29
N LEU A 92 -12.12 -4.23 15.02
CA LEU A 92 -13.20 -3.31 14.65
C LEU A 92 -14.49 -4.00 14.25
N GLU A 93 -14.57 -5.31 14.46
CA GLU A 93 -15.75 -6.10 14.11
C GLU A 93 -16.09 -5.98 12.63
N ILE A 94 -15.06 -5.90 11.79
CA ILE A 94 -15.23 -5.83 10.35
C ILE A 94 -15.15 -7.26 9.86
N GLU A 95 -16.31 -7.86 9.58
CA GLU A 95 -16.37 -9.25 9.15
C GLU A 95 -15.94 -9.49 7.71
N LYS A 96 -16.21 -8.53 6.83
CA LYS A 96 -15.81 -8.64 5.43
C LYS A 96 -15.63 -7.22 4.93
N ALA A 97 -14.62 -6.99 4.09
CA ALA A 97 -14.39 -5.66 3.58
C ALA A 97 -13.69 -5.66 2.24
N HIS A 98 -13.78 -4.53 1.55
CA HIS A 98 -13.09 -4.38 0.27
C HIS A 98 -11.69 -3.94 0.71
N ILE A 99 -10.70 -4.17 -0.13
CA ILE A 99 -9.34 -3.76 0.22
C ILE A 99 -8.67 -3.04 -0.96
N VAL A 100 -8.02 -1.94 -0.65
CA VAL A 100 -7.28 -1.16 -1.64
C VAL A 100 -5.82 -1.22 -1.18
N GLY A 101 -4.93 -1.76 -2.00
CA GLY A 101 -3.54 -1.85 -1.61
C GLY A 101 -2.58 -1.18 -2.57
N ASN A 102 -1.69 -0.36 -2.02
CA ASN A 102 -0.69 0.36 -2.79
C ASN A 102 0.65 -0.36 -2.76
N ALA A 103 1.05 -0.90 -3.91
CA ALA A 103 2.33 -1.60 -4.05
C ALA A 103 2.50 -2.68 -2.98
N PHE A 104 3.37 -2.43 -2.00
CA PHE A 104 3.60 -3.34 -0.89
C PHE A 104 2.23 -3.74 -0.32
N GLY A 105 1.35 -2.76 -0.15
CA GLY A 105 0.02 -3.01 0.38
C GLY A 105 -0.83 -3.87 -0.53
N GLY A 106 -0.57 -3.80 -1.84
CA GLY A 106 -1.32 -4.62 -2.78
C GLY A 106 -0.91 -6.08 -2.63
N GLY A 107 0.38 -6.28 -2.33
CA GLY A 107 0.86 -7.63 -2.13
C GLY A 107 0.20 -8.22 -0.90
N LEU A 108 0.07 -7.40 0.13
CA LEU A 108 -0.56 -7.85 1.37
C LEU A 108 -2.04 -8.13 1.15
N ALA A 109 -2.67 -7.34 0.29
CA ALA A 109 -4.09 -7.53 -0.01
C ALA A 109 -4.29 -8.90 -0.63
N ILE A 110 -3.46 -9.23 -1.60
CA ILE A 110 -3.54 -10.53 -2.28
C ILE A 110 -3.32 -11.65 -1.28
N ALA A 111 -2.28 -11.51 -0.46
CA ALA A 111 -1.97 -12.53 0.54
C ALA A 111 -3.09 -12.73 1.54
N THR A 112 -3.78 -11.64 1.89
CA THR A 112 -4.89 -11.72 2.83
C THR A 112 -6.09 -12.42 2.19
N ALA A 113 -6.36 -12.11 0.92
CA ALA A 113 -7.47 -12.72 0.20
C ALA A 113 -7.25 -14.22 0.04
N LEU A 114 -6.01 -14.64 -0.05
CA LEU A 114 -5.69 -16.07 -0.21
C LEU A 114 -5.83 -16.85 1.09
N ARG A 115 -5.41 -16.25 2.20
CA ARG A 115 -5.48 -16.91 3.50
C ARG A 115 -6.83 -16.74 4.20
N TYR A 116 -7.51 -15.63 3.92
CA TYR A 116 -8.80 -15.32 4.52
C TYR A 116 -9.79 -14.88 3.45
N SER A 117 -10.02 -15.76 2.48
CA SER A 117 -10.91 -15.47 1.37
C SER A 117 -12.28 -14.93 1.75
N GLU A 118 -12.88 -15.49 2.78
CA GLU A 118 -14.21 -15.04 3.19
C GLU A 118 -14.23 -13.66 3.86
N ARG A 119 -13.06 -13.14 4.23
CA ARG A 119 -12.98 -11.84 4.88
C ARG A 119 -12.77 -10.70 3.88
N VAL A 120 -12.46 -11.06 2.63
CA VAL A 120 -12.20 -10.05 1.61
C VAL A 120 -13.22 -10.07 0.48
N ASP A 121 -13.75 -8.89 0.16
CA ASP A 121 -14.75 -8.76 -0.89
C ASP A 121 -14.06 -8.34 -2.19
N ARG A 122 -14.17 -7.08 -2.57
CA ARG A 122 -13.51 -6.61 -3.80
C ARG A 122 -12.13 -6.05 -3.48
N MET A 123 -11.22 -6.13 -4.45
CA MET A 123 -9.87 -5.63 -4.26
C MET A 123 -9.44 -4.66 -5.35
N VAL A 124 -8.70 -3.64 -4.94
CA VAL A 124 -8.13 -2.67 -5.85
C VAL A 124 -6.62 -2.80 -5.61
N LEU A 125 -5.88 -3.16 -6.64
CA LEU A 125 -4.44 -3.35 -6.54
C LEU A 125 -3.74 -2.27 -7.37
N MET A 126 -3.07 -1.35 -6.70
CA MET A 126 -2.40 -0.22 -7.34
C MET A 126 -0.88 -0.37 -7.36
N GLY A 127 -0.31 -0.52 -8.56
CA GLY A 127 1.13 -0.71 -8.71
C GLY A 127 1.59 -1.73 -7.69
N ALA A 128 0.78 -2.77 -7.51
CA ALA A 128 0.98 -3.78 -6.49
C ALA A 128 2.05 -4.86 -6.61
N ALA A 129 2.55 -5.25 -5.44
CA ALA A 129 3.51 -6.32 -5.32
C ALA A 129 2.57 -7.53 -5.37
N GLY A 130 3.11 -8.74 -5.44
CA GLY A 130 2.25 -9.91 -5.50
C GLY A 130 2.72 -10.93 -6.52
N THR A 131 3.49 -10.49 -7.50
CA THR A 131 4.02 -11.41 -8.49
C THR A 131 5.51 -11.12 -8.58
N ARG A 132 6.30 -12.17 -8.76
CA ARG A 132 7.75 -11.98 -8.83
C ARG A 132 8.17 -11.23 -10.08
N PHE A 133 9.02 -10.24 -9.89
CA PHE A 133 9.56 -9.45 -10.99
C PHE A 133 10.97 -9.09 -10.58
N ASP A 134 11.85 -8.86 -11.56
CA ASP A 134 13.23 -8.52 -11.25
C ASP A 134 13.35 -7.15 -10.63
N VAL A 135 14.08 -7.09 -9.52
CA VAL A 135 14.27 -5.83 -8.81
C VAL A 135 14.69 -4.72 -9.76
N THR A 136 14.06 -3.56 -9.59
CA THR A 136 14.32 -2.39 -10.42
C THR A 136 15.24 -1.45 -9.66
N GLU A 137 15.91 -0.54 -10.36
CA GLU A 137 16.77 0.40 -9.68
C GLU A 137 15.90 1.30 -8.79
N GLY A 138 14.70 1.60 -9.25
CA GLY A 138 13.81 2.44 -8.48
C GLY A 138 13.45 1.79 -7.15
N LEU A 139 13.08 0.52 -7.20
CA LEU A 139 12.74 -0.19 -5.98
C LEU A 139 13.94 -0.31 -5.04
N ASN A 140 15.11 -0.57 -5.60
CA ASN A 140 16.29 -0.71 -4.75
C ASN A 140 16.66 0.61 -4.10
N ALA A 141 16.36 1.72 -4.78
CA ALA A 141 16.65 3.04 -4.23
C ALA A 141 15.70 3.34 -3.08
N VAL A 142 14.43 2.99 -3.27
CA VAL A 142 13.42 3.22 -2.24
C VAL A 142 13.74 2.41 -0.97
N TRP A 143 13.92 1.11 -1.11
CA TRP A 143 14.20 0.27 0.04
C TRP A 143 15.61 0.50 0.61
N GLY A 144 16.51 1.01 -0.22
CA GLY A 144 17.88 1.27 0.22
C GLY A 144 18.09 2.69 0.72
N TYR A 145 16.99 3.43 0.87
CA TYR A 145 17.05 4.82 1.33
C TYR A 145 17.72 5.01 2.69
N THR A 146 18.53 6.06 2.80
CA THR A 146 19.14 6.46 4.06
C THR A 146 18.73 7.94 4.04
N PRO A 147 18.45 8.52 5.22
CA PRO A 147 18.03 9.93 5.31
C PRO A 147 18.90 11.07 4.81
N SER A 148 18.24 11.96 4.07
CA SER A 148 18.82 13.19 3.54
C SER A 148 17.75 13.81 2.64
N ILE A 149 17.71 15.13 2.59
CA ILE A 149 16.71 15.80 1.76
C ILE A 149 16.93 15.48 0.28
N GLU A 150 18.19 15.34 -0.13
CA GLU A 150 18.49 15.04 -1.53
C GLU A 150 18.05 13.60 -1.85
N ASN A 151 18.26 12.68 -0.92
CA ASN A 151 17.85 11.29 -1.17
C ASN A 151 16.34 11.19 -1.23
N MET A 152 15.65 11.97 -0.40
CA MET A 152 14.19 11.95 -0.41
C MET A 152 13.67 12.60 -1.69
N ARG A 153 14.33 13.66 -2.13
CA ARG A 153 13.93 14.34 -3.36
C ARG A 153 14.07 13.35 -4.51
N ASN A 154 15.13 12.56 -4.48
CA ASN A 154 15.35 11.56 -5.52
C ASN A 154 14.25 10.51 -5.51
N LEU A 155 13.85 10.07 -4.32
CA LEU A 155 12.80 9.06 -4.23
C LEU A 155 11.48 9.60 -4.75
N LEU A 156 11.17 10.84 -4.38
CA LEU A 156 9.93 11.46 -4.85
C LEU A 156 9.97 11.56 -6.36
N ASP A 157 11.14 11.88 -6.92
CA ASP A 157 11.29 11.98 -8.37
C ASP A 157 11.03 10.61 -9.01
N ILE A 158 11.49 9.55 -8.35
CA ILE A 158 11.31 8.21 -8.85
C ILE A 158 9.82 7.84 -8.90
N PHE A 159 9.07 8.33 -7.92
CA PHE A 159 7.63 8.06 -7.85
C PHE A 159 6.80 8.88 -8.84
N ALA A 160 7.22 10.12 -9.07
CA ALA A 160 6.48 11.03 -9.93
C ALA A 160 6.75 10.98 -11.42
N TYR A 161 5.70 11.30 -12.18
CA TYR A 161 5.82 11.38 -13.62
C TYR A 161 6.17 12.84 -13.87
N ASP A 162 5.40 13.74 -13.27
CA ASP A 162 5.64 15.17 -13.40
C ASP A 162 6.48 15.60 -12.20
N ARG A 163 7.78 15.76 -12.41
CA ARG A 163 8.68 16.14 -11.33
C ARG A 163 8.44 17.53 -10.76
N SER A 164 7.60 18.33 -11.42
CA SER A 164 7.31 19.68 -10.93
C SER A 164 6.55 19.60 -9.61
N LEU A 165 6.02 18.42 -9.31
CA LEU A 165 5.27 18.21 -8.08
C LEU A 165 6.22 18.01 -6.90
N VAL A 166 7.45 17.62 -7.20
CA VAL A 166 8.45 17.39 -6.16
C VAL A 166 9.10 18.73 -5.79
N THR A 167 8.59 19.34 -4.72
CA THR A 167 9.09 20.62 -4.25
C THR A 167 10.06 20.44 -3.10
N ASP A 168 10.87 21.46 -2.85
CA ASP A 168 11.83 21.40 -1.75
C ASP A 168 11.07 21.19 -0.45
N GLU A 169 9.91 21.83 -0.32
CA GLU A 169 9.11 21.70 0.88
C GLU A 169 8.64 20.26 1.10
N LEU A 170 8.14 19.63 0.05
CA LEU A 170 7.67 18.25 0.17
C LEU A 170 8.81 17.32 0.54
N ALA A 171 9.97 17.50 -0.11
CA ALA A 171 11.12 16.66 0.18
C ALA A 171 11.54 16.87 1.63
N ARG A 172 11.46 18.10 2.10
CA ARG A 172 11.84 18.41 3.46
C ARG A 172 10.88 17.76 4.47
N LEU A 173 9.58 17.85 4.19
CA LEU A 173 8.59 17.27 5.08
C LEU A 173 8.68 15.74 5.15
N ARG A 174 8.91 15.10 4.02
CA ARG A 174 9.00 13.64 4.03
C ARG A 174 10.33 13.20 4.63
N TYR A 175 11.36 14.02 4.45
CA TYR A 175 12.65 13.71 5.05
C TYR A 175 12.45 13.72 6.55
N GLU A 176 11.77 14.76 7.05
CA GLU A 176 11.52 14.87 8.47
C GLU A 176 10.70 13.69 8.97
N ALA A 177 9.73 13.24 8.18
CA ALA A 177 8.93 12.10 8.59
C ALA A 177 9.79 10.84 8.67
N SER A 178 10.76 10.72 7.77
CA SER A 178 11.63 9.54 7.73
C SER A 178 12.63 9.43 8.88
N ILE A 179 12.93 10.55 9.54
CA ILE A 179 13.89 10.50 10.64
C ILE A 179 13.26 10.50 12.03
N GLN A 180 11.93 10.33 12.09
CA GLN A 180 11.27 10.30 13.38
C GLN A 180 11.83 9.11 14.18
N PRO A 181 11.81 9.20 15.52
CA PRO A 181 12.34 8.13 16.36
C PRO A 181 11.91 6.72 15.97
N GLY A 182 12.89 5.86 15.72
CA GLY A 182 12.63 4.48 15.37
C GLY A 182 12.26 4.18 13.93
N PHE A 183 11.89 5.21 13.17
CA PHE A 183 11.49 5.01 11.78
C PHE A 183 12.54 4.41 10.84
N GLN A 184 13.67 5.10 10.66
CA GLN A 184 14.71 4.61 9.77
C GLN A 184 15.27 3.28 10.26
N GLU A 185 15.21 3.08 11.57
CA GLU A 185 15.69 1.84 12.17
C GLU A 185 14.88 0.62 11.70
N SER A 186 13.57 0.68 11.86
CA SER A 186 12.73 -0.44 11.45
C SER A 186 12.72 -0.58 9.93
N PHE A 187 12.76 0.56 9.23
CA PHE A 187 12.73 0.56 7.78
C PHE A 187 13.97 -0.10 7.16
N SER A 188 15.15 0.31 7.61
CA SER A 188 16.40 -0.22 7.06
C SER A 188 16.60 -1.70 7.35
N SER A 189 16.02 -2.20 8.44
CA SER A 189 16.17 -3.61 8.78
C SER A 189 15.10 -4.47 8.10
N MET A 190 14.15 -3.80 7.44
CA MET A 190 13.06 -4.50 6.79
C MET A 190 13.40 -5.23 5.49
N PHE A 191 14.06 -4.54 4.57
CA PHE A 191 14.38 -5.11 3.26
C PHE A 191 15.86 -5.06 2.91
N PRO A 192 16.72 -5.68 3.73
CA PRO A 192 18.15 -5.66 3.46
C PRO A 192 18.59 -6.42 2.20
N GLU A 193 19.74 -6.01 1.65
CA GLU A 193 20.30 -6.61 0.45
C GLU A 193 20.65 -8.08 0.69
N PRO A 194 20.43 -8.95 -0.31
CA PRO A 194 19.85 -8.65 -1.62
C PRO A 194 18.33 -8.51 -1.53
N ARG A 195 17.81 -7.42 -2.10
CA ARG A 195 16.38 -7.15 -2.00
C ARG A 195 15.44 -7.98 -2.85
N GLN A 196 15.97 -8.73 -3.83
CA GLN A 196 15.14 -9.58 -4.66
C GLN A 196 14.42 -10.58 -3.75
N ARG A 197 15.08 -10.95 -2.66
CA ARG A 197 14.53 -11.90 -1.71
C ARG A 197 13.15 -11.48 -1.18
N TRP A 198 12.99 -10.18 -0.95
CA TRP A 198 11.76 -9.65 -0.40
C TRP A 198 10.64 -9.49 -1.44
N ILE A 199 11.02 -9.25 -2.69
CA ILE A 199 10.02 -9.16 -3.74
C ILE A 199 9.43 -10.57 -3.85
N ASP A 200 10.31 -11.56 -3.86
CA ASP A 200 9.92 -12.96 -3.97
C ASP A 200 9.08 -13.43 -2.77
N ALA A 201 9.49 -13.02 -1.58
CA ALA A 201 8.78 -13.41 -0.35
C ALA A 201 7.40 -12.78 -0.24
N LEU A 202 7.25 -11.55 -0.72
CA LEU A 202 5.97 -10.84 -0.65
C LEU A 202 5.02 -11.27 -1.76
N ALA A 203 5.55 -11.92 -2.78
CA ALA A 203 4.74 -12.37 -3.91
C ALA A 203 3.93 -13.62 -3.58
N SER A 204 2.90 -13.86 -4.38
CA SER A 204 2.06 -15.03 -4.24
C SER A 204 2.28 -15.81 -5.53
N SER A 205 2.09 -17.12 -5.47
CA SER A 205 2.31 -17.96 -6.66
C SER A 205 1.25 -17.76 -7.74
N ASP A 206 1.64 -18.03 -8.99
CA ASP A 206 0.71 -17.88 -10.11
C ASP A 206 -0.49 -18.77 -9.84
N GLU A 207 -0.21 -20.00 -9.39
CA GLU A 207 -1.26 -20.97 -9.10
C GLU A 207 -2.27 -20.44 -8.09
N ASP A 208 -1.77 -19.86 -7.00
CA ASP A 208 -2.65 -19.32 -5.97
C ASP A 208 -3.45 -18.12 -6.45
N ILE A 209 -2.79 -17.20 -7.14
CA ILE A 209 -3.47 -16.01 -7.64
C ILE A 209 -4.63 -16.37 -8.56
N LYS A 210 -4.46 -17.44 -9.34
CA LYS A 210 -5.51 -17.88 -10.26
C LYS A 210 -6.76 -18.35 -9.54
N THR A 211 -6.64 -18.68 -8.25
CA THR A 211 -7.81 -19.16 -7.49
C THR A 211 -8.65 -18.02 -6.90
N LEU A 212 -8.15 -16.79 -6.96
CA LEU A 212 -8.88 -15.66 -6.41
C LEU A 212 -10.24 -15.48 -7.09
N PRO A 213 -11.32 -15.51 -6.31
CA PRO A 213 -12.67 -15.36 -6.85
C PRO A 213 -13.18 -13.91 -6.85
N ASN A 214 -12.44 -13.04 -6.17
CA ASN A 214 -12.80 -11.63 -6.01
C ASN A 214 -12.82 -10.75 -7.26
N GLU A 215 -13.81 -9.87 -7.34
CA GLU A 215 -13.87 -8.90 -8.43
C GLU A 215 -12.66 -8.04 -8.08
N THR A 216 -11.79 -7.80 -9.06
CA THR A 216 -10.58 -7.05 -8.80
C THR A 216 -10.32 -5.96 -9.82
N LEU A 217 -9.82 -4.81 -9.35
CA LEU A 217 -9.49 -3.69 -10.23
C LEU A 217 -7.99 -3.46 -10.08
N ILE A 218 -7.24 -3.69 -11.15
CA ILE A 218 -5.79 -3.52 -11.16
C ILE A 218 -5.47 -2.18 -11.81
N ILE A 219 -4.75 -1.32 -11.07
CA ILE A 219 -4.39 0.01 -11.56
C ILE A 219 -2.88 0.19 -11.59
N HIS A 220 -2.37 0.80 -12.65
CA HIS A 220 -0.92 1.00 -12.77
C HIS A 220 -0.61 2.24 -13.59
N GLY A 221 0.50 2.89 -13.26
CA GLY A 221 0.93 4.06 -14.02
C GLY A 221 1.89 3.55 -15.07
N ARG A 222 1.66 3.93 -16.33
CA ARG A 222 2.50 3.46 -17.43
C ARG A 222 4.00 3.67 -17.17
N GLU A 223 4.35 4.84 -16.68
CA GLU A 223 5.75 5.20 -16.44
C GLU A 223 6.32 4.78 -15.07
N ASP A 224 5.60 3.95 -14.33
CA ASP A 224 6.06 3.49 -13.01
C ASP A 224 7.51 3.01 -13.03
N GLN A 225 8.38 3.67 -12.27
CA GLN A 225 9.79 3.33 -12.19
C GLN A 225 10.13 2.37 -11.06
N VAL A 226 9.16 2.09 -10.21
CA VAL A 226 9.38 1.21 -9.06
C VAL A 226 8.90 -0.22 -9.33
N VAL A 227 7.63 -0.36 -9.67
CA VAL A 227 7.06 -1.65 -10.01
C VAL A 227 6.75 -1.56 -11.50
N PRO A 228 7.33 -2.44 -12.32
CA PRO A 228 7.09 -2.41 -13.76
C PRO A 228 5.65 -2.69 -14.18
N LEU A 229 5.20 -2.01 -15.23
CA LEU A 229 3.85 -2.20 -15.73
C LEU A 229 3.59 -3.68 -16.00
N SER A 230 4.63 -4.37 -16.47
CA SER A 230 4.51 -5.79 -16.78
C SER A 230 3.97 -6.61 -15.62
N SER A 231 4.24 -6.17 -14.39
CA SER A 231 3.76 -6.90 -13.21
C SER A 231 2.23 -6.84 -13.15
N SER A 232 1.65 -5.68 -13.41
CA SER A 232 0.19 -5.57 -13.38
C SER A 232 -0.44 -6.24 -14.59
N LEU A 233 0.27 -6.27 -15.70
CA LEU A 233 -0.25 -6.94 -16.89
C LEU A 233 -0.34 -8.43 -16.56
N ARG A 234 0.64 -8.93 -15.80
CA ARG A 234 0.64 -10.33 -15.41
C ARG A 234 -0.54 -10.61 -14.47
N LEU A 235 -0.74 -9.74 -13.49
CA LEU A 235 -1.86 -9.92 -12.57
C LEU A 235 -3.17 -9.93 -13.38
N GLY A 236 -3.19 -9.13 -14.44
CA GLY A 236 -4.37 -9.04 -15.29
C GLY A 236 -4.66 -10.32 -16.06
N GLU A 237 -3.63 -11.14 -16.25
CA GLU A 237 -3.80 -12.41 -16.97
C GLU A 237 -4.18 -13.51 -15.98
N LEU A 238 -3.70 -13.38 -14.75
CA LEU A 238 -3.94 -14.38 -13.71
C LEU A 238 -5.28 -14.33 -12.99
N ILE A 239 -5.73 -13.12 -12.63
CA ILE A 239 -6.99 -12.98 -11.90
C ILE A 239 -8.16 -13.01 -12.87
N ASP A 240 -9.10 -13.92 -12.64
CA ASP A 240 -10.25 -14.07 -13.53
C ASP A 240 -11.19 -12.87 -13.63
N ARG A 241 -11.80 -12.48 -12.52
CA ARG A 241 -12.73 -11.35 -12.52
C ARG A 241 -11.96 -10.07 -12.34
N ALA A 242 -11.09 -9.77 -13.29
CA ALA A 242 -10.26 -8.57 -13.19
C ALA A 242 -10.44 -7.56 -14.30
N GLN A 243 -10.14 -6.32 -13.95
CA GLN A 243 -10.16 -5.21 -14.89
C GLN A 243 -8.80 -4.57 -14.69
N LEU A 244 -8.22 -4.08 -15.78
CA LEU A 244 -6.91 -3.43 -15.69
C LEU A 244 -7.08 -2.01 -16.20
N HIS A 245 -6.58 -1.05 -15.42
CA HIS A 245 -6.65 0.33 -15.86
C HIS A 245 -5.25 0.92 -15.74
N VAL A 246 -4.68 1.30 -16.88
CA VAL A 246 -3.35 1.87 -16.92
C VAL A 246 -3.43 3.35 -17.26
N PHE A 247 -2.83 4.17 -16.41
CA PHE A 247 -2.81 5.62 -16.64
C PHE A 247 -1.52 6.03 -17.32
N GLY A 248 -1.64 6.65 -18.50
CA GLY A 248 -0.45 7.15 -19.17
C GLY A 248 -0.09 8.44 -18.46
N ARG A 249 1.17 8.87 -18.59
CA ARG A 249 1.64 10.09 -17.93
C ARG A 249 1.39 9.98 -16.43
N CYS A 250 1.80 8.85 -15.87
CA CYS A 250 1.61 8.61 -14.45
C CYS A 250 2.64 7.60 -13.96
N GLY A 251 3.24 7.89 -12.82
CA GLY A 251 4.23 6.99 -12.26
C GLY A 251 3.66 6.10 -11.18
N HIS A 252 4.46 5.88 -10.14
CA HIS A 252 4.09 5.03 -9.01
C HIS A 252 3.29 5.83 -7.96
N TRP A 253 2.91 7.04 -8.33
CA TRP A 253 2.18 7.97 -7.46
C TRP A 253 0.73 8.14 -7.91
N THR A 254 0.14 7.07 -8.45
CA THR A 254 -1.22 7.09 -8.98
C THR A 254 -2.31 7.81 -8.20
N GLN A 255 -2.44 7.53 -6.91
CA GLN A 255 -3.50 8.15 -6.11
C GLN A 255 -3.21 9.64 -5.91
N ILE A 256 -1.99 10.05 -6.23
CA ILE A 256 -1.58 11.45 -6.08
C ILE A 256 -1.57 12.21 -7.42
N GLU A 257 -1.10 11.55 -8.48
CA GLU A 257 -1.03 12.20 -9.79
C GLU A 257 -2.24 12.04 -10.71
N GLN A 258 -3.15 11.14 -10.34
CA GLN A 258 -4.37 10.92 -11.11
C GLN A 258 -5.47 10.75 -10.07
N THR A 259 -5.40 11.58 -9.04
CA THR A 259 -6.33 11.55 -7.91
C THR A 259 -7.82 11.44 -8.25
N ASP A 260 -8.35 12.41 -9.00
CA ASP A 260 -9.77 12.38 -9.32
C ASP A 260 -10.17 11.17 -10.15
N ARG A 261 -9.35 10.80 -11.12
CA ARG A 261 -9.65 9.63 -11.95
C ARG A 261 -9.62 8.36 -11.10
N PHE A 262 -8.60 8.25 -10.25
CA PHE A 262 -8.43 7.11 -9.37
C PHE A 262 -9.62 6.98 -8.42
N ASN A 263 -9.97 8.09 -7.75
CA ASN A 263 -11.09 8.06 -6.82
C ASN A 263 -12.40 7.68 -7.49
N ARG A 264 -12.64 8.21 -8.68
CA ARG A 264 -13.87 7.90 -9.40
C ARG A 264 -13.96 6.42 -9.78
N LEU A 265 -12.85 5.89 -10.28
CA LEU A 265 -12.82 4.48 -10.68
C LEU A 265 -13.07 3.56 -9.49
N VAL A 266 -12.41 3.86 -8.38
CA VAL A 266 -12.57 3.06 -7.17
C VAL A 266 -13.98 3.10 -6.61
N VAL A 267 -14.54 4.30 -6.48
CA VAL A 267 -15.91 4.44 -5.96
C VAL A 267 -16.93 3.70 -6.83
N GLU A 268 -16.85 3.88 -8.15
CA GLU A 268 -17.79 3.22 -9.05
C GLU A 268 -17.62 1.71 -9.01
N PHE A 269 -16.39 1.26 -8.85
CA PHE A 269 -16.07 -0.16 -8.79
C PHE A 269 -16.73 -0.77 -7.55
N PHE A 270 -16.63 -0.08 -6.42
CA PHE A 270 -17.24 -0.60 -5.20
C PHE A 270 -18.77 -0.44 -5.23
N ASN A 271 -19.25 0.61 -5.90
CA ASN A 271 -20.69 0.85 -6.00
C ASN A 271 -21.42 -0.32 -6.67
N GLU A 272 -20.71 -1.05 -7.53
CA GLU A 272 -21.32 -2.20 -8.21
C GLU A 272 -21.73 -3.30 -7.25
N ALA A 273 -20.96 -3.46 -6.17
CA ALA A 273 -21.25 -4.47 -5.16
C ALA A 273 -22.58 -4.24 -4.47
#